data_4I5W
#
_entry.id   4I5W
#
_cell.length_a   52.846
_cell.length_b   70.327
_cell.length_c   174.237
_cell.angle_alpha   90.00
_cell.angle_beta   90.00
_cell.angle_gamma   90.00
#
_symmetry.space_group_name_H-M   'P 21 21 21'
#
loop_
_entity.id
_entity.type
_entity.pdbx_description
1 polymer "5',5'''-P-1,P-4-tetraphosphate phosphorylase 2"
2 non-polymer 'PHOSPHATE ION'
3 non-polymer 'ADENOSINE MONOPHOSPHATE'
4 water water
#
_entity_poly.entity_id   1
_entity_poly.type   'polypeptide(L)'
_entity_poly.pdbx_seq_one_letter_code
;MGHHHHHHMIEENLKQKIHDKFVAAKKNGHLKVTHAESKKLKDPQTTTQYWVTFAPSLALKPDANKNSDSKAEDPFANPD
EELVVTEDLNGDGEYKLLLNKFPVVPEHSLLVTSEFKDQRSALTPSDLMTAYNVLCSLQGDKDDDVTCERYLVFYNCGPH
SGSSQDHKHLQIMQMPEKFIPFQDVLCNGKDHFLPTFNAEPLQDDKVSFAHFVLPLPESSDQVDEDLLAMCYVSLMQRAL
TFFQDWTNESPELTKSYNVLLTKKWICVVPRSHAKSGPPLMLNINSTGYCGMILVKDREKLENLTEDPHLVDKSLLQCGF
PNTAGQKPTEYHY
;
_entity_poly.pdbx_strand_id   A,B
#
# COMPACT_ATOMS: atom_id res chain seq x y z
N MET A 9 -1.73 14.96 6.26
CA MET A 9 -1.88 16.40 6.39
C MET A 9 -0.64 17.08 7.02
N ILE A 10 0.14 17.73 6.17
CA ILE A 10 1.39 18.36 6.58
C ILE A 10 1.17 19.65 7.38
N GLU A 11 2.10 19.91 8.30
CA GLU A 11 2.11 21.12 9.10
C GLU A 11 2.38 22.34 8.22
N GLU A 12 1.95 23.51 8.67
CA GLU A 12 2.05 24.70 7.83
C GLU A 12 3.44 25.37 7.83
N ASN A 13 3.90 25.77 6.64
CA ASN A 13 5.20 26.40 6.49
C ASN A 13 6.29 25.49 7.09
N LEU A 14 6.24 24.23 6.68
CA LEU A 14 7.09 23.19 7.23
C LEU A 14 8.55 23.40 6.85
N LYS A 15 8.75 24.13 5.75
CA LYS A 15 10.08 24.55 5.35
C LYS A 15 10.66 25.36 6.50
N GLN A 16 9.97 26.45 6.84
CA GLN A 16 10.45 27.41 7.82
C GLN A 16 10.88 26.72 9.11
N LYS A 17 10.07 25.76 9.55
CA LYS A 17 10.31 25.06 10.79
C LYS A 17 11.57 24.22 10.66
N ILE A 18 11.76 23.60 9.50
CA ILE A 18 13.00 22.85 9.25
C ILE A 18 14.20 23.80 9.21
N HIS A 19 14.05 24.90 8.49
CA HIS A 19 15.06 25.95 8.48
C HIS A 19 15.27 26.54 9.86
N ASP A 20 14.19 26.98 10.49
CA ASP A 20 14.26 27.55 11.84
C ASP A 20 14.97 26.57 12.77
N LYS A 21 14.70 25.28 12.58
CA LYS A 21 15.22 24.27 13.49
C LYS A 21 16.69 24.00 13.29
N PHE A 22 17.12 23.91 12.03
CA PHE A 22 18.50 23.57 11.70
C PHE A 22 19.50 24.66 12.13
N VAL A 23 19.19 25.92 11.83
CA VAL A 23 20.12 27.04 12.10
C VAL A 23 20.53 27.05 13.57
N ALA A 24 19.65 26.55 14.42
CA ALA A 24 19.91 26.45 15.85
C ALA A 24 20.86 25.29 16.14
N ALA A 25 20.42 24.07 15.83
CA ALA A 25 21.20 22.88 16.15
C ALA A 25 22.67 23.03 15.75
N LYS A 26 22.90 23.64 14.59
CA LYS A 26 24.25 23.91 14.08
C LYS A 26 25.04 24.78 15.04
N LYS A 27 24.42 25.87 15.48
CA LYS A 27 25.02 26.79 16.45
C LYS A 27 25.41 26.15 17.80
N ASN A 28 24.56 25.29 18.34
CA ASN A 28 24.79 24.73 19.68
C ASN A 28 25.44 23.33 19.72
N GLY A 29 25.69 22.77 18.55
CA GLY A 29 26.40 21.51 18.45
C GLY A 29 25.50 20.30 18.32
N HIS A 30 24.20 20.52 18.53
CA HIS A 30 23.25 19.41 18.53
C HIS A 30 23.28 18.70 17.19
N LEU A 31 23.92 19.34 16.21
CA LEU A 31 24.28 18.68 14.95
C LEU A 31 25.57 19.31 14.39
N LYS A 32 26.29 18.55 13.57
CA LYS A 32 27.54 19.06 13.03
C LYS A 32 27.70 18.80 11.52
N VAL A 33 27.97 19.90 10.80
CA VAL A 33 28.04 19.85 9.36
C VAL A 33 29.45 19.56 8.86
N THR A 34 29.61 18.37 8.30
CA THR A 34 30.85 18.02 7.62
C THR A 34 31.06 18.91 6.43
N HIS A 35 32.29 19.40 6.29
CA HIS A 35 32.62 20.20 5.11
C HIS A 35 32.78 19.25 3.93
N ALA A 36 32.27 19.67 2.76
CA ALA A 36 32.56 18.95 1.51
C ALA A 36 32.72 19.86 0.27
N GLU A 37 33.35 19.33 -0.77
CA GLU A 37 33.36 19.97 -2.09
C GLU A 37 32.74 19.01 -3.10
N SER A 38 31.90 19.53 -3.98
CA SER A 38 31.22 18.64 -4.92
C SER A 38 31.40 19.09 -6.35
N LYS A 39 31.51 18.11 -7.27
CA LYS A 39 31.61 18.42 -8.67
C LYS A 39 30.81 17.46 -9.55
N LYS A 40 30.30 17.99 -10.67
CA LYS A 40 29.58 17.19 -11.66
C LYS A 40 30.52 16.39 -12.56
N LEU A 41 30.13 15.17 -12.90
CA LEU A 41 30.87 14.35 -13.82
C LEU A 41 29.87 13.73 -14.78
N LYS A 42 30.31 13.47 -16.01
CA LYS A 42 29.43 12.91 -17.02
C LYS A 42 30.02 11.60 -17.53
N ASP A 43 29.19 10.61 -17.82
CA ASP A 43 29.74 9.32 -18.21
C ASP A 43 29.84 9.23 -19.74
N PRO A 44 31.06 9.29 -20.27
CA PRO A 44 31.35 9.27 -21.70
C PRO A 44 30.82 8.03 -22.40
N GLN A 45 30.77 6.93 -21.68
CA GLN A 45 30.18 5.75 -22.24
C GLN A 45 28.64 5.87 -22.23
N THR A 46 28.08 6.17 -21.06
CA THR A 46 26.63 6.12 -20.85
C THR A 46 25.83 7.43 -20.86
N THR A 47 26.51 8.56 -20.91
CA THR A 47 25.89 9.89 -20.83
C THR A 47 25.33 10.32 -19.46
N THR A 48 25.34 9.41 -18.50
CA THR A 48 24.83 9.67 -17.15
C THR A 48 25.55 10.80 -16.39
N GLN A 49 24.80 11.75 -15.82
CA GLN A 49 25.42 12.81 -15.01
C GLN A 49 25.67 12.44 -13.56
N TYR A 50 26.88 12.71 -13.06
CA TYR A 50 27.28 12.33 -11.71
C TYR A 50 27.55 13.54 -10.88
N TRP A 51 27.04 13.55 -9.66
CA TRP A 51 27.36 14.61 -8.72
C TRP A 51 28.24 14.02 -7.63
N VAL A 52 29.51 14.42 -7.59
CA VAL A 52 30.47 13.78 -6.69
C VAL A 52 30.92 14.67 -5.57
N THR A 53 30.52 14.33 -4.35
CA THR A 53 30.87 15.09 -3.17
C THR A 53 32.07 14.49 -2.42
N PHE A 54 33.04 15.35 -2.11
CA PHE A 54 34.27 14.95 -1.45
C PHE A 54 34.25 15.44 -0.01
N ALA A 55 34.28 14.51 0.93
CA ALA A 55 34.40 14.86 2.35
C ALA A 55 35.48 14.02 3.03
N PRO A 56 36.74 14.51 3.03
CA PRO A 56 37.86 13.71 3.56
C PRO A 56 37.80 13.54 5.07
N SER A 57 37.11 14.44 5.76
CA SER A 57 36.94 14.35 7.21
C SER A 57 36.27 13.02 7.60
N LEU A 58 35.23 12.67 6.88
CA LEU A 58 34.51 11.44 7.14
C LEU A 58 35.46 10.28 7.03
N ALA A 59 36.65 10.52 6.49
CA ALA A 59 37.66 9.47 6.49
C ALA A 59 38.05 9.20 7.94
N LEU A 60 37.98 10.25 8.78
CA LEU A 60 38.13 10.11 10.22
C LEU A 60 36.94 9.36 10.82
N ASP A 74 19.06 2.78 19.53
CA ASP A 74 18.04 3.38 18.69
C ASP A 74 17.93 4.87 18.98
N PRO A 75 18.71 5.68 18.26
CA PRO A 75 18.72 7.13 18.43
C PRO A 75 17.44 7.81 17.97
N PHE A 76 16.61 7.10 17.23
CA PHE A 76 15.41 7.72 16.70
C PHE A 76 14.28 7.52 17.68
N ALA A 77 14.57 6.77 18.74
CA ALA A 77 13.60 6.49 19.80
C ALA A 77 13.41 7.70 20.72
N ASN A 78 14.51 8.23 21.21
CA ASN A 78 14.46 9.48 21.96
C ASN A 78 15.57 10.42 21.52
N PRO A 79 15.39 11.06 20.35
CA PRO A 79 16.43 11.91 19.78
C PRO A 79 16.42 13.24 20.50
N ASP A 80 17.56 13.91 20.53
CA ASP A 80 17.63 15.23 21.13
C ASP A 80 16.54 16.12 20.52
N GLU A 81 15.70 16.67 21.38
CA GLU A 81 14.54 17.45 20.94
C GLU A 81 14.99 18.69 20.20
N GLU A 82 16.22 19.09 20.45
CA GLU A 82 16.84 20.17 19.71
C GLU A 82 16.87 19.76 18.23
N LEU A 83 16.82 18.46 17.99
CA LEU A 83 16.84 17.89 16.64
C LEU A 83 15.46 17.55 16.09
N VAL A 84 14.41 17.79 16.85
CA VAL A 84 13.11 17.32 16.41
C VAL A 84 12.27 18.45 15.86
N VAL A 85 12.12 18.47 14.53
CA VAL A 85 11.31 19.48 13.88
C VAL A 85 9.85 19.43 14.34
N THR A 86 9.23 18.26 14.20
CA THR A 86 7.86 18.07 14.65
C THR A 86 7.66 16.71 15.31
N GLU A 87 6.84 16.64 16.35
CA GLU A 87 6.59 15.37 17.02
C GLU A 87 5.60 14.48 16.29
N ASP A 88 4.63 15.09 15.61
CA ASP A 88 3.90 14.35 14.60
C ASP A 88 3.68 15.12 13.30
N LEU A 89 4.32 14.59 12.26
CA LEU A 89 4.32 15.19 10.95
C LEU A 89 2.90 15.42 10.50
N ASN A 90 2.17 14.33 10.33
CA ASN A 90 0.76 14.41 9.95
C ASN A 90 -0.12 14.52 11.18
N GLY A 91 -1.43 14.55 10.97
CA GLY A 91 -2.35 14.54 12.09
C GLY A 91 -2.17 13.25 12.88
N ASP A 92 -1.81 12.19 12.16
CA ASP A 92 -1.54 10.89 12.74
C ASP A 92 -0.33 10.96 13.66
N GLY A 93 -0.28 10.06 14.63
CA GLY A 93 0.84 10.01 15.54
C GLY A 93 1.93 9.09 15.04
N GLU A 94 1.98 8.88 13.72
CA GLU A 94 2.92 7.93 13.13
C GLU A 94 4.36 8.44 12.92
N TYR A 95 4.53 9.74 12.65
CA TYR A 95 5.84 10.22 12.22
C TYR A 95 6.34 11.43 12.98
N LYS A 96 7.60 11.40 13.39
CA LYS A 96 8.26 12.64 13.72
C LYS A 96 9.08 13.10 12.51
N LEU A 97 9.69 14.28 12.62
CA LEU A 97 10.64 14.77 11.64
C LEU A 97 11.90 15.23 12.36
N LEU A 98 13.01 14.54 12.13
CA LEU A 98 14.28 14.84 12.82
C LEU A 98 15.29 15.43 11.83
N LEU A 99 16.26 16.14 12.37
CA LEU A 99 17.38 16.58 11.56
C LEU A 99 18.50 15.58 11.68
N ASN A 100 19.03 15.16 10.53
CA ASN A 100 20.24 14.38 10.52
C ASN A 100 21.26 15.14 11.35
N LYS A 101 21.81 14.48 12.37
CA LYS A 101 22.73 15.12 13.30
C LYS A 101 24.11 15.34 12.72
N PHE A 102 24.38 14.68 11.61
CA PHE A 102 25.66 14.78 10.94
C PHE A 102 25.51 15.02 9.45
N PRO A 103 24.94 16.17 9.09
CA PRO A 103 24.58 16.51 7.71
C PRO A 103 25.79 16.84 6.83
N VAL A 104 25.84 16.30 5.62
CA VAL A 104 26.67 16.86 4.56
C VAL A 104 25.99 17.96 3.76
N VAL A 105 24.72 17.74 3.42
CA VAL A 105 23.89 18.73 2.74
C VAL A 105 23.07 19.47 3.80
N PRO A 106 23.30 20.77 3.97
CA PRO A 106 22.58 21.34 5.12
C PRO A 106 21.09 21.00 5.10
N GLU A 107 20.52 20.71 6.27
CA GLU A 107 19.08 20.52 6.43
C GLU A 107 18.47 19.12 6.12
N HIS A 108 19.31 18.16 5.76
CA HIS A 108 18.89 16.78 5.48
C HIS A 108 18.06 16.20 6.66
N SER A 109 16.84 15.77 6.36
CA SER A 109 15.86 15.41 7.40
C SER A 109 15.48 13.94 7.45
N LEU A 110 15.21 13.46 8.64
CA LEU A 110 14.71 12.11 8.80
C LEU A 110 13.21 12.15 9.02
N LEU A 111 12.50 11.35 8.24
CA LEU A 111 11.10 11.06 8.51
C LEU A 111 11.14 9.79 9.33
N VAL A 112 10.76 9.88 10.59
CA VAL A 112 10.89 8.76 11.52
C VAL A 112 9.56 8.29 12.11
N THR A 113 9.34 6.96 12.14
CA THR A 113 8.16 6.38 12.77
C THR A 113 8.16 6.63 14.26
N SER A 114 7.01 7.06 14.77
CA SER A 114 6.91 7.44 16.17
C SER A 114 7.10 6.22 17.04
N GLU A 115 6.31 5.20 16.79
CA GLU A 115 6.53 3.92 17.47
C GLU A 115 7.40 3.06 16.55
N PHE A 116 8.45 2.49 17.12
CA PHE A 116 9.44 1.79 16.32
C PHE A 116 8.86 0.79 15.33
N LYS A 117 9.28 0.91 14.08
CA LYS A 117 9.01 -0.09 13.07
C LYS A 117 10.37 -0.43 12.51
N ASP A 118 10.45 -1.52 11.75
CA ASP A 118 11.72 -1.98 11.20
C ASP A 118 11.98 -1.53 9.75
N GLN A 119 13.22 -1.12 9.51
CA GLN A 119 13.69 -0.66 8.19
C GLN A 119 13.56 -1.73 7.11
N ARG A 120 13.42 -2.99 7.51
CA ARG A 120 13.24 -4.07 6.54
C ARG A 120 11.80 -4.04 6.06
N SER A 121 10.96 -3.35 6.80
CA SER A 121 9.54 -3.33 6.50
C SER A 121 9.28 -2.52 5.26
N ALA A 122 8.30 -2.98 4.49
CA ALA A 122 7.91 -2.30 3.30
C ALA A 122 7.29 -0.94 3.62
N LEU A 123 7.22 -0.08 2.60
CA LEU A 123 6.57 1.23 2.69
C LEU A 123 5.10 1.07 2.48
N THR A 124 4.32 1.92 3.14
CA THR A 124 2.87 1.79 3.15
C THR A 124 2.30 3.02 2.49
N PRO A 125 1.05 2.94 1.98
CA PRO A 125 0.48 4.08 1.26
C PRO A 125 0.68 5.37 2.05
N SER A 126 0.45 5.33 3.36
CA SER A 126 0.70 6.49 4.19
C SER A 126 2.14 7.02 4.06
N ASP A 127 3.13 6.14 4.23
CA ASP A 127 4.54 6.56 4.17
C ASP A 127 4.87 7.40 2.94
N LEU A 128 4.49 6.89 1.78
CA LEU A 128 4.79 7.52 0.50
C LEU A 128 4.12 8.87 0.28
N MET A 129 2.83 8.94 0.57
CA MET A 129 2.10 10.20 0.51
C MET A 129 2.62 11.20 1.55
N THR A 130 2.82 10.75 2.79
CA THR A 130 3.36 11.64 3.80
C THR A 130 4.61 12.29 3.22
N ALA A 131 5.60 11.47 2.86
CA ALA A 131 6.84 11.94 2.23
C ALA A 131 6.63 12.80 1.00
N TYR A 132 5.71 12.39 0.11
CA TYR A 132 5.35 13.21 -1.07
C TYR A 132 4.81 14.59 -0.70
N ASN A 133 4.00 14.64 0.34
CA ASN A 133 3.47 15.90 0.81
C ASN A 133 4.55 16.81 1.37
N VAL A 134 5.58 16.22 1.96
CA VAL A 134 6.71 17.01 2.44
C VAL A 134 7.50 17.54 1.23
N LEU A 135 7.56 16.75 0.16
CA LEU A 135 8.20 17.22 -1.06
C LEU A 135 7.48 18.47 -1.50
N CYS A 136 6.15 18.45 -1.39
CA CYS A 136 5.31 19.53 -1.87
C CYS A 136 5.34 20.76 -0.97
N SER A 137 5.69 20.54 0.28
CA SER A 137 5.81 21.63 1.24
C SER A 137 7.05 22.44 0.88
N LEU A 138 8.18 21.75 0.82
CA LEU A 138 9.48 22.38 0.59
C LEU A 138 9.56 22.98 -0.80
N GLN A 139 8.93 22.29 -1.76
CA GLN A 139 8.79 22.75 -3.14
C GLN A 139 7.50 23.55 -3.34
N GLY A 140 6.94 24.01 -2.23
CA GLY A 140 5.84 24.98 -2.24
C GLY A 140 5.05 25.01 -3.51
N CYS A 148 14.06 26.66 -8.62
CA CYS A 148 15.26 25.88 -8.95
C CYS A 148 15.71 25.01 -7.75
N GLU A 149 15.03 25.17 -6.62
CA GLU A 149 15.16 24.25 -5.51
C GLU A 149 14.56 22.91 -5.95
N ARG A 150 15.14 21.81 -5.46
CA ARG A 150 14.57 20.49 -5.72
C ARG A 150 14.94 19.59 -4.56
N TYR A 151 14.08 18.61 -4.26
CA TYR A 151 14.35 17.72 -3.14
C TYR A 151 14.26 16.25 -3.50
N LEU A 152 15.07 15.44 -2.82
CA LEU A 152 15.08 14.00 -3.01
C LEU A 152 14.62 13.30 -1.75
N VAL A 153 13.85 12.24 -1.95
CA VAL A 153 13.37 11.41 -0.85
C VAL A 153 13.74 9.96 -1.12
N PHE A 154 14.41 9.34 -0.16
CA PHE A 154 14.84 7.98 -0.36
C PHE A 154 14.73 7.08 0.86
N TYR A 155 14.79 5.80 0.58
CA TYR A 155 14.65 4.79 1.59
C TYR A 155 15.66 3.72 1.29
N ASN A 156 16.52 3.43 2.26
CA ASN A 156 17.49 2.34 2.17
C ASN A 156 16.92 1.09 2.83
N CYS A 157 16.67 0.06 2.05
CA CYS A 157 15.99 -1.09 2.62
C CYS A 157 16.81 -2.39 2.51
N GLY A 158 17.22 -2.93 3.65
CA GLY A 158 17.96 -4.18 3.65
C GLY A 158 19.43 -4.04 4.04
N PRO A 159 20.05 -5.17 4.40
CA PRO A 159 21.47 -5.21 4.78
C PRO A 159 22.35 -4.52 3.76
N HIS A 160 21.98 -4.66 2.48
CA HIS A 160 22.82 -4.21 1.37
C HIS A 160 22.45 -2.84 0.78
N SER A 161 21.47 -2.19 1.38
CA SER A 161 20.90 -0.97 0.82
C SER A 161 21.74 0.27 1.13
N GLY A 162 22.60 0.18 2.13
CA GLY A 162 23.28 1.35 2.62
C GLY A 162 22.71 1.82 3.94
N SER A 163 21.81 1.04 4.52
CA SER A 163 21.19 1.37 5.80
C SER A 163 22.16 1.25 6.96
N SER A 164 22.27 2.30 7.76
CA SER A 164 22.91 2.21 9.08
C SER A 164 21.99 2.18 10.34
N GLN A 165 20.66 2.14 10.14
CA GLN A 165 19.70 2.22 11.26
C GLN A 165 18.46 1.36 11.07
N ASP A 166 18.09 0.60 12.09
CA ASP A 166 16.93 -0.29 11.95
C ASP A 166 15.55 0.30 12.30
N HIS A 167 15.52 1.46 12.95
CA HIS A 167 14.24 2.10 13.18
C HIS A 167 13.74 2.74 11.88
N LYS A 168 12.58 2.31 11.39
CA LYS A 168 12.14 2.74 10.07
C LYS A 168 12.28 4.24 9.99
N HIS A 169 12.90 4.69 8.91
CA HIS A 169 13.07 6.10 8.66
C HIS A 169 13.18 6.34 7.18
N LEU A 170 12.69 7.48 6.75
CA LEU A 170 12.79 7.90 5.37
C LEU A 170 13.68 9.12 5.37
N GLN A 171 14.29 9.41 4.23
CA GLN A 171 15.24 10.50 4.20
C GLN A 171 14.80 11.57 3.19
N ILE A 172 14.95 12.83 3.57
CA ILE A 172 14.72 13.93 2.63
C ILE A 172 15.93 14.89 2.52
N MET A 173 16.50 15.00 1.33
CA MET A 173 17.56 15.98 1.15
C MET A 173 17.51 16.75 -0.18
N GLN A 174 17.92 18.02 -0.11
CA GLN A 174 18.02 18.84 -1.29
C GLN A 174 18.91 18.12 -2.29
N MET A 175 18.49 18.12 -3.55
CA MET A 175 19.38 17.66 -4.60
C MET A 175 20.20 18.85 -5.12
N PRO A 176 21.18 18.59 -5.99
CA PRO A 176 22.05 19.70 -6.41
C PRO A 176 21.46 20.72 -7.41
N GLU A 177 21.73 22.02 -7.17
CA GLU A 177 21.09 23.13 -7.91
C GLU A 177 21.07 22.90 -9.40
N LYS A 178 22.22 22.84 -10.06
CA LYS A 178 22.19 22.42 -11.46
C LYS A 178 22.71 20.99 -11.59
N PHE A 179 21.79 20.05 -11.68
CA PHE A 179 22.15 18.66 -11.88
C PHE A 179 21.00 17.93 -12.57
N ILE A 180 21.30 17.06 -13.52
CA ILE A 180 20.24 16.32 -14.20
C ILE A 180 20.41 14.81 -14.10
N PRO A 181 19.73 14.23 -13.11
CA PRO A 181 19.82 12.77 -12.95
C PRO A 181 19.17 12.10 -14.14
N PHE A 182 19.72 10.95 -14.54
CA PHE A 182 19.25 10.23 -15.71
C PHE A 182 17.75 9.87 -15.66
N GLN A 183 17.20 9.63 -14.47
CA GLN A 183 15.75 9.40 -14.32
C GLN A 183 14.94 10.48 -15.00
N ASP A 184 15.43 11.71 -14.95
CA ASP A 184 14.74 12.81 -15.58
C ASP A 184 14.60 12.57 -17.07
N VAL A 185 15.70 12.28 -17.75
CA VAL A 185 15.66 12.26 -19.22
C VAL A 185 14.86 11.04 -19.68
N LEU A 186 15.01 9.95 -18.95
CA LEU A 186 14.23 8.75 -19.21
C LEU A 186 12.74 9.00 -18.95
N CYS A 187 12.47 9.98 -18.09
CA CYS A 187 11.10 10.31 -17.71
C CYS A 187 10.45 11.46 -18.49
N ASN A 188 11.22 12.22 -19.24
CA ASN A 188 10.59 13.32 -19.96
C ASN A 188 10.23 12.96 -21.41
N GLY A 189 9.03 13.37 -21.81
CA GLY A 189 8.45 12.98 -23.08
C GLY A 189 7.56 11.76 -22.88
N LYS A 190 7.42 11.36 -21.62
CA LYS A 190 6.65 10.18 -21.28
C LYS A 190 5.63 10.51 -20.19
N ASP A 191 4.35 10.48 -20.55
CA ASP A 191 3.28 10.83 -19.62
C ASP A 191 3.06 9.71 -18.62
N HIS A 192 2.51 10.03 -17.47
CA HIS A 192 2.30 9.03 -16.42
C HIS A 192 1.54 7.81 -16.93
N PHE A 193 2.00 6.64 -16.49
CA PHE A 193 1.33 5.39 -16.81
C PHE A 193 1.52 4.38 -15.69
N LEU A 194 0.52 3.52 -15.51
CA LEU A 194 0.69 2.29 -14.75
C LEU A 194 0.84 1.18 -15.77
N PRO A 195 1.87 0.33 -15.62
CA PRO A 195 2.35 -0.49 -16.72
C PRO A 195 1.23 -1.21 -17.47
N THR A 196 1.25 -1.08 -18.80
CA THR A 196 0.24 -1.67 -19.67
C THR A 196 0.89 -2.85 -20.40
N PHE A 197 0.11 -3.85 -20.78
CA PHE A 197 0.67 -5.08 -21.33
C PHE A 197 1.71 -4.72 -22.38
N ASN A 198 1.48 -3.59 -23.04
CA ASN A 198 2.40 -3.04 -24.00
C ASN A 198 3.41 -2.09 -23.33
N ALA A 199 3.35 -2.00 -22.00
CA ALA A 199 4.24 -1.13 -21.23
C ALA A 199 4.72 -1.68 -19.88
N GLU A 200 6.01 -1.54 -19.62
CA GLU A 200 6.66 -1.94 -18.38
C GLU A 200 6.91 -0.64 -17.59
N PRO A 201 7.60 -0.73 -16.42
CA PRO A 201 8.16 0.51 -15.86
C PRO A 201 9.26 1.07 -16.78
N LEU A 202 9.65 2.33 -16.60
CA LEU A 202 10.69 2.92 -17.44
C LEU A 202 12.08 2.55 -16.92
N GLN A 203 12.94 2.07 -17.80
CA GLN A 203 14.26 1.63 -17.39
C GLN A 203 15.28 2.02 -18.45
N ASP A 204 16.34 2.73 -18.03
CA ASP A 204 17.38 3.21 -18.92
C ASP A 204 18.29 2.06 -19.34
N ASP A 205 18.43 1.84 -20.65
CA ASP A 205 19.15 0.68 -21.15
C ASP A 205 20.64 0.97 -21.30
N LYS A 206 20.99 2.25 -21.18
CA LYS A 206 22.37 2.68 -21.27
C LYS A 206 23.22 2.26 -20.06
N VAL A 207 22.61 2.17 -18.89
CA VAL A 207 23.40 2.03 -17.67
C VAL A 207 23.57 0.57 -17.24
N SER A 208 24.41 0.35 -16.25
CA SER A 208 24.87 -1.00 -15.96
C SER A 208 23.88 -1.73 -15.07
N PHE A 209 23.15 -0.96 -14.29
CA PHE A 209 22.37 -1.47 -13.19
C PHE A 209 20.88 -1.60 -13.52
N ALA A 210 20.26 -2.64 -12.98
CA ALA A 210 18.80 -2.76 -12.94
C ALA A 210 18.17 -1.73 -11.97
N HIS A 211 17.07 -1.12 -12.41
CA HIS A 211 16.43 -0.01 -11.69
C HIS A 211 15.03 0.07 -12.24
N PHE A 212 14.11 0.69 -11.52
CA PHE A 212 12.78 0.82 -12.09
C PHE A 212 12.17 2.16 -11.78
N VAL A 213 11.71 2.82 -12.84
CA VAL A 213 11.27 4.20 -12.76
C VAL A 213 9.87 4.42 -13.37
N LEU A 214 9.01 5.13 -12.65
CA LEU A 214 7.73 5.53 -13.20
C LEU A 214 7.59 7.04 -13.11
N PRO A 215 7.01 7.66 -14.14
CA PRO A 215 6.69 9.10 -14.13
C PRO A 215 5.54 9.42 -13.19
N LEU A 216 5.51 10.63 -12.64
CA LEU A 216 4.40 11.07 -11.81
C LEU A 216 3.65 12.20 -12.48
N PRO A 217 2.36 12.31 -12.16
CA PRO A 217 1.57 13.48 -12.54
C PRO A 217 2.22 14.77 -12.05
N GLU A 218 2.29 15.74 -12.96
CA GLU A 218 3.05 16.97 -12.75
C GLU A 218 2.46 17.87 -11.66
N SER A 219 1.17 18.17 -11.74
CA SER A 219 0.52 18.87 -10.64
C SER A 219 0.19 17.87 -9.53
N SER A 220 0.52 18.24 -8.29
CA SER A 220 0.33 17.35 -7.16
C SER A 220 -1.15 17.01 -6.88
N ASP A 221 -2.08 17.67 -7.57
CA ASP A 221 -3.49 17.35 -7.45
C ASP A 221 -3.83 15.98 -8.04
N GLN A 222 -3.03 15.52 -9.00
CA GLN A 222 -3.31 14.24 -9.64
C GLN A 222 -2.69 13.11 -8.83
N VAL A 223 -2.06 13.49 -7.72
CA VAL A 223 -1.30 12.57 -6.92
C VAL A 223 -1.94 12.33 -5.57
N ASP A 224 -2.16 11.06 -5.26
CA ASP A 224 -2.71 10.66 -3.98
C ASP A 224 -2.21 9.28 -3.53
N GLU A 225 -2.66 8.89 -2.34
CA GLU A 225 -2.25 7.67 -1.67
C GLU A 225 -2.33 6.44 -2.56
N ASP A 226 -3.46 6.24 -3.22
CA ASP A 226 -3.67 5.04 -4.03
C ASP A 226 -2.75 5.00 -5.24
N LEU A 227 -2.45 6.15 -5.82
CA LEU A 227 -1.58 6.21 -6.99
C LEU A 227 -0.14 5.74 -6.68
N LEU A 228 0.40 6.19 -5.54
CA LEU A 228 1.75 5.82 -5.17
C LEU A 228 1.85 4.35 -4.83
N ALA A 229 0.86 3.87 -4.07
CA ALA A 229 0.77 2.46 -3.69
C ALA A 229 0.87 1.60 -4.94
N MET A 230 0.05 1.92 -5.94
CA MET A 230 0.16 1.32 -7.27
C MET A 230 1.61 1.37 -7.72
N CYS A 231 2.13 2.59 -7.89
CA CYS A 231 3.50 2.82 -8.35
C CYS A 231 4.56 2.00 -7.63
N TYR A 232 4.67 2.24 -6.33
CA TYR A 232 5.57 1.49 -5.46
C TYR A 232 5.49 -0.07 -5.54
N VAL A 233 4.30 -0.62 -5.34
CA VAL A 233 4.16 -2.08 -5.34
C VAL A 233 4.48 -2.65 -6.72
N SER A 234 3.95 -1.97 -7.74
CA SER A 234 4.24 -2.31 -9.11
C SER A 234 5.76 -2.42 -9.25
N LEU A 235 6.44 -1.30 -9.05
CA LEU A 235 7.89 -1.30 -9.08
C LEU A 235 8.42 -2.42 -8.21
N MET A 236 7.76 -2.62 -7.07
CA MET A 236 8.22 -3.62 -6.12
C MET A 236 8.13 -5.03 -6.67
N GLN A 237 7.20 -5.24 -7.60
CA GLN A 237 7.13 -6.55 -8.22
C GLN A 237 8.48 -6.81 -8.88
N ARG A 238 8.75 -6.07 -9.96
CA ARG A 238 9.95 -6.28 -10.75
C ARG A 238 11.18 -6.35 -9.84
N ALA A 239 11.22 -5.47 -8.87
CA ALA A 239 12.30 -5.47 -7.91
C ALA A 239 12.45 -6.84 -7.23
N LEU A 240 11.36 -7.34 -6.65
CA LEU A 240 11.40 -8.58 -5.85
C LEU A 240 11.95 -9.80 -6.58
N THR A 241 11.71 -9.85 -7.87
CA THR A 241 12.09 -11.00 -8.67
C THR A 241 13.61 -11.22 -8.68
N PHE A 242 14.34 -10.28 -8.09
CA PHE A 242 15.80 -10.32 -8.11
C PHE A 242 16.34 -11.21 -6.99
N PHE A 243 15.43 -11.86 -6.28
CA PHE A 243 15.78 -12.84 -5.26
C PHE A 243 15.23 -14.24 -5.56
N GLN A 244 13.91 -14.36 -5.67
CA GLN A 244 13.30 -15.64 -6.04
C GLN A 244 13.60 -16.05 -7.49
N ASP A 245 14.23 -17.21 -7.65
CA ASP A 245 14.63 -17.71 -8.98
C ASP A 245 13.77 -18.90 -9.41
N LEU A 253 20.03 -13.67 -0.90
CA LEU A 253 20.26 -12.59 0.05
C LEU A 253 18.96 -11.89 0.45
N THR A 254 18.83 -11.61 1.74
CA THR A 254 17.62 -10.97 2.25
C THR A 254 17.38 -9.76 1.37
N LYS A 255 16.11 -9.49 1.07
CA LYS A 255 15.79 -8.39 0.16
C LYS A 255 16.33 -7.06 0.66
N SER A 256 17.11 -6.42 -0.21
CA SER A 256 17.68 -5.09 0.03
C SER A 256 17.39 -4.23 -1.17
N TYR A 257 17.04 -2.97 -0.96
CA TYR A 257 16.84 -2.05 -2.09
C TYR A 257 16.73 -0.59 -1.73
N ASN A 258 16.67 0.25 -2.75
CA ASN A 258 16.57 1.70 -2.52
C ASN A 258 15.35 2.19 -3.23
N VAL A 259 14.70 3.15 -2.62
CA VAL A 259 13.61 3.84 -3.25
C VAL A 259 14.01 5.29 -3.32
N LEU A 260 13.86 5.90 -4.48
CA LEU A 260 14.04 7.33 -4.56
C LEU A 260 12.75 7.92 -5.04
N LEU A 261 12.37 9.04 -4.45
CA LEU A 261 11.14 9.68 -4.83
C LEU A 261 11.37 11.18 -4.97
N THR A 262 10.94 11.69 -6.12
CA THR A 262 10.92 13.12 -6.35
C THR A 262 9.56 13.44 -6.93
N LYS A 263 9.15 14.69 -6.87
CA LYS A 263 7.89 15.15 -7.43
C LYS A 263 7.68 14.68 -8.86
N LYS A 264 8.77 14.40 -9.57
CA LYS A 264 8.72 14.05 -10.99
C LYS A 264 8.68 12.55 -11.29
N TRP A 265 8.92 11.72 -10.28
CA TRP A 265 9.05 10.27 -10.49
C TRP A 265 9.44 9.52 -9.24
N ILE A 266 9.20 8.20 -9.28
CA ILE A 266 9.52 7.27 -8.21
C ILE A 266 10.37 6.14 -8.79
N CYS A 267 11.34 5.68 -8.01
CA CYS A 267 12.29 4.71 -8.56
C CYS A 267 12.70 3.71 -7.52
N VAL A 268 12.76 2.46 -7.95
CA VAL A 268 13.11 1.35 -7.04
C VAL A 268 14.30 0.55 -7.52
N VAL A 269 15.33 0.48 -6.69
CA VAL A 269 16.56 -0.25 -7.02
C VAL A 269 16.77 -1.47 -6.10
N PRO A 270 16.87 -2.68 -6.69
CA PRO A 270 17.26 -3.90 -5.95
C PRO A 270 18.73 -3.86 -5.59
N ARG A 271 19.12 -4.33 -4.41
CA ARG A 271 20.52 -4.18 -3.97
C ARG A 271 21.18 -5.49 -3.51
N SER A 272 22.19 -5.91 -4.24
CA SER A 272 23.08 -7.02 -3.87
C SER A 272 24.24 -6.68 -2.91
N HIS A 273 24.79 -5.46 -2.98
CA HIS A 273 25.81 -5.04 -2.01
C HIS A 273 25.74 -3.58 -1.57
N ALA A 274 26.23 -3.34 -0.36
CA ALA A 274 26.29 -2.02 0.23
C ALA A 274 27.50 -1.24 -0.23
N LYS A 275 28.63 -1.94 -0.36
CA LYS A 275 29.89 -1.33 -0.78
C LYS A 275 30.36 -1.92 -2.11
N SER A 276 30.97 -1.06 -2.93
CA SER A 276 31.34 -1.44 -4.29
C SER A 276 32.49 -2.42 -4.35
N GLY A 277 32.84 -2.78 -5.56
CA GLY A 277 33.94 -3.69 -5.79
C GLY A 277 35.28 -3.02 -5.70
N PRO A 278 36.29 -3.75 -6.19
CA PRO A 278 37.74 -3.55 -6.22
C PRO A 278 38.28 -2.22 -6.71
N PRO A 279 37.70 -1.61 -7.77
CA PRO A 279 38.43 -0.35 -7.93
C PRO A 279 38.10 0.54 -6.76
N LEU A 280 36.82 0.82 -6.61
CA LEU A 280 36.37 1.86 -5.69
C LEU A 280 36.11 1.51 -4.22
N MET A 281 35.56 0.33 -3.98
CA MET A 281 35.19 -0.02 -2.62
C MET A 281 34.40 1.14 -2.06
N LEU A 282 33.31 1.49 -2.75
CA LEU A 282 32.48 2.60 -2.31
C LEU A 282 31.27 2.09 -1.56
N ASN A 283 30.91 2.80 -0.49
CA ASN A 283 29.65 2.61 0.20
C ASN A 283 28.58 3.34 -0.59
N ILE A 284 27.46 2.69 -0.85
CA ILE A 284 26.43 3.31 -1.69
C ILE A 284 25.00 3.11 -1.17
N ASN A 285 24.27 4.21 -1.06
CA ASN A 285 22.88 4.18 -0.71
C ASN A 285 21.92 4.71 -1.80
N SER A 286 20.66 4.98 -1.49
CA SER A 286 19.73 5.38 -2.55
C SER A 286 20.25 6.52 -3.42
N THR A 287 21.00 7.46 -2.84
CA THR A 287 21.38 8.67 -3.57
C THR A 287 22.26 8.36 -4.76
N GLY A 288 23.08 7.33 -4.61
CA GLY A 288 24.03 7.01 -5.67
C GLY A 288 23.38 6.45 -6.91
N TYR A 289 22.09 6.17 -6.83
CA TYR A 289 21.35 5.61 -7.96
C TYR A 289 20.55 6.63 -8.74
N CYS A 290 20.58 7.88 -8.27
CA CYS A 290 20.35 9.02 -9.16
C CYS A 290 21.66 9.65 -9.59
N GLY A 291 22.77 9.01 -9.22
CA GLY A 291 24.09 9.46 -9.60
C GLY A 291 24.81 10.33 -8.57
N MET A 292 24.26 10.41 -7.34
CA MET A 292 24.87 11.24 -6.30
C MET A 292 25.82 10.45 -5.40
N ILE A 293 27.14 10.69 -5.53
CA ILE A 293 28.19 9.88 -4.89
C ILE A 293 28.91 10.63 -3.76
N LEU A 294 29.12 9.97 -2.63
CA LEU A 294 29.88 10.59 -1.53
C LEU A 294 31.22 9.88 -1.26
N VAL A 295 32.34 10.53 -1.60
CA VAL A 295 33.65 9.91 -1.36
C VAL A 295 34.48 10.61 -0.27
N LYS A 296 35.15 9.78 0.55
CA LYS A 296 35.94 10.28 1.66
C LYS A 296 37.45 10.44 1.41
N ASP A 297 37.98 9.95 0.28
CA ASP A 297 39.40 10.20 -0.01
C ASP A 297 39.72 10.72 -1.43
N ARG A 298 40.80 11.51 -1.52
CA ARG A 298 41.16 12.24 -2.73
C ARG A 298 41.56 11.38 -3.95
N GLU A 299 42.37 10.36 -3.75
CA GLU A 299 42.71 9.46 -4.85
C GLU A 299 41.44 8.97 -5.56
N LYS A 300 40.50 8.43 -4.79
CA LYS A 300 39.20 8.01 -5.31
C LYS A 300 38.50 9.10 -6.14
N LEU A 301 38.37 10.29 -5.59
CA LEU A 301 37.92 11.48 -6.30
C LEU A 301 38.66 11.65 -7.63
N GLU A 302 39.99 11.54 -7.60
CA GLU A 302 40.78 11.65 -8.80
C GLU A 302 40.44 10.54 -9.80
N ASN A 303 40.31 9.31 -9.33
CA ASN A 303 40.14 8.19 -10.22
C ASN A 303 38.78 8.24 -10.90
N LEU A 304 37.82 8.85 -10.22
CA LEU A 304 36.49 8.98 -10.76
C LEU A 304 36.57 10.05 -11.79
N THR A 305 37.33 11.10 -11.46
CA THR A 305 37.51 12.21 -12.38
C THR A 305 38.21 11.74 -13.65
N GLU A 306 39.33 11.05 -13.50
CA GLU A 306 39.97 10.44 -14.64
C GLU A 306 39.03 9.52 -15.44
N ASP A 307 38.22 8.70 -14.76
CA ASP A 307 37.30 7.77 -15.46
C ASP A 307 35.92 7.61 -14.81
N PRO A 308 35.01 8.56 -15.08
CA PRO A 308 33.70 8.65 -14.43
C PRO A 308 32.82 7.44 -14.65
N HIS A 309 33.17 6.60 -15.62
CA HIS A 309 32.37 5.45 -15.98
C HIS A 309 32.57 4.39 -14.92
N LEU A 310 33.62 4.56 -14.14
CA LEU A 310 33.86 3.67 -13.02
C LEU A 310 32.68 3.73 -12.05
N VAL A 311 32.12 4.92 -11.88
CA VAL A 311 30.87 5.08 -11.14
C VAL A 311 29.81 4.09 -11.62
N ASP A 312 29.63 4.00 -12.93
CA ASP A 312 28.71 3.05 -13.56
C ASP A 312 29.00 1.62 -13.09
N LYS A 313 30.25 1.21 -13.20
CA LYS A 313 30.66 -0.14 -12.84
C LYS A 313 30.45 -0.39 -11.35
N SER A 314 30.57 0.66 -10.55
CA SER A 314 30.34 0.56 -9.11
C SER A 314 28.87 0.31 -8.79
N LEU A 315 27.98 1.04 -9.46
CA LEU A 315 26.54 0.82 -9.30
C LEU A 315 26.18 -0.53 -9.85
N LEU A 316 26.94 -0.98 -10.84
CA LEU A 316 26.81 -2.37 -11.24
C LEU A 316 27.19 -3.28 -10.09
N GLN A 317 28.40 -3.11 -9.57
CA GLN A 317 28.86 -3.91 -8.43
C GLN A 317 27.88 -3.95 -7.23
N CYS A 318 27.21 -2.84 -6.94
CA CYS A 318 26.27 -2.80 -5.82
C CYS A 318 24.84 -3.14 -6.23
N GLY A 319 24.62 -3.21 -7.55
CA GLY A 319 23.33 -3.53 -8.15
C GLY A 319 23.12 -4.93 -8.72
N PHE A 320 22.42 -4.96 -9.85
CA PHE A 320 22.27 -6.18 -10.67
C PHE A 320 22.37 -5.74 -12.14
N PRO A 321 22.81 -6.63 -13.04
CA PRO A 321 22.95 -6.16 -14.43
C PRO A 321 21.63 -5.72 -15.02
N ASN A 322 21.70 -4.77 -15.94
CA ASN A 322 20.50 -4.21 -16.54
C ASN A 322 19.82 -5.20 -17.46
N THR A 323 18.54 -4.95 -17.68
CA THR A 323 17.64 -5.79 -18.46
C THR A 323 17.17 -5.06 -19.71
N ALA A 324 16.62 -3.86 -19.49
CA ALA A 324 15.70 -3.15 -20.39
C ALA A 324 16.08 -2.98 -21.87
N GLY A 325 15.04 -2.85 -22.68
CA GLY A 325 15.08 -2.93 -24.14
C GLY A 325 14.36 -4.20 -24.54
N GLN A 326 14.16 -5.07 -23.56
CA GLN A 326 13.35 -6.28 -23.69
C GLN A 326 11.95 -6.07 -23.10
N LYS A 327 11.21 -7.17 -22.95
CA LYS A 327 9.92 -7.16 -22.26
C LYS A 327 10.11 -7.03 -20.75
N MET B 9 -1.38 -7.50 17.20
CA MET B 9 -1.64 -8.74 17.93
C MET B 9 -3.13 -8.88 18.31
N ILE B 10 -3.78 -9.87 17.73
CA ILE B 10 -5.20 -10.15 17.96
C ILE B 10 -5.42 -10.69 19.37
N GLU B 11 -6.58 -10.37 19.93
CA GLU B 11 -6.90 -10.75 21.31
C GLU B 11 -7.25 -12.23 21.50
N GLU B 12 -7.61 -12.55 22.73
CA GLU B 12 -7.90 -13.91 23.13
C GLU B 12 -9.36 -13.94 23.48
N ASN B 13 -9.95 -15.12 23.43
CA ASN B 13 -11.37 -15.28 23.74
C ASN B 13 -12.23 -14.56 22.72
N LEU B 14 -11.65 -14.24 21.56
CA LEU B 14 -12.28 -13.36 20.59
C LEU B 14 -13.53 -13.97 19.99
N LYS B 15 -13.42 -15.20 19.48
CA LYS B 15 -14.62 -15.90 19.06
C LYS B 15 -15.69 -15.82 20.16
N GLN B 16 -15.44 -16.47 21.29
CA GLN B 16 -16.40 -16.46 22.37
C GLN B 16 -16.66 -15.05 22.92
N LYS B 17 -15.67 -14.18 22.91
CA LYS B 17 -15.96 -12.81 23.33
C LYS B 17 -17.13 -12.35 22.48
N ILE B 18 -16.98 -12.50 21.17
CA ILE B 18 -17.97 -12.02 20.23
C ILE B 18 -19.32 -12.63 20.54
N HIS B 19 -19.38 -13.94 20.56
CA HIS B 19 -20.60 -14.65 20.89
C HIS B 19 -21.17 -14.01 22.15
N ASP B 20 -20.34 -13.92 23.19
CA ASP B 20 -20.77 -13.40 24.47
C ASP B 20 -21.44 -12.03 24.34
N LYS B 21 -20.71 -11.10 23.74
CA LYS B 21 -21.20 -9.74 23.58
C LYS B 21 -22.51 -9.75 22.81
N PHE B 22 -22.61 -10.71 21.89
CA PHE B 22 -23.75 -10.85 21.00
C PHE B 22 -25.03 -11.23 21.73
N VAL B 23 -25.02 -12.34 22.48
CA VAL B 23 -26.20 -12.74 23.26
C VAL B 23 -26.52 -11.62 24.25
N ALA B 24 -25.48 -10.99 24.79
CA ALA B 24 -25.66 -9.89 25.72
C ALA B 24 -26.44 -8.73 25.10
N ALA B 25 -25.97 -8.20 23.97
CA ALA B 25 -26.65 -7.10 23.30
C ALA B 25 -28.00 -7.56 22.75
N LYS B 26 -28.06 -8.84 22.41
CA LYS B 26 -29.30 -9.42 21.92
C LYS B 26 -30.36 -9.45 23.03
N LYS B 27 -29.94 -9.90 24.20
CA LYS B 27 -30.84 -9.97 25.35
C LYS B 27 -31.28 -8.58 25.77
N ASN B 28 -30.34 -7.64 25.81
CA ASN B 28 -30.64 -6.29 26.26
C ASN B 28 -31.09 -5.32 25.17
N GLY B 29 -31.25 -5.83 23.95
CA GLY B 29 -31.89 -5.09 22.88
C GLY B 29 -31.10 -3.89 22.40
N HIS B 30 -29.88 -3.77 22.88
CA HIS B 30 -29.01 -2.75 22.33
C HIS B 30 -28.57 -3.18 20.94
N LEU B 31 -28.93 -4.42 20.58
CA LEU B 31 -29.00 -4.82 19.19
C LEU B 31 -30.29 -5.59 18.97
N LYS B 32 -30.89 -5.33 17.81
CA LYS B 32 -32.08 -6.06 17.36
C LYS B 32 -31.74 -6.72 16.04
N VAL B 33 -32.09 -8.01 15.92
CA VAL B 33 -31.79 -8.77 14.71
C VAL B 33 -32.89 -8.61 13.66
N THR B 34 -32.67 -9.23 12.51
CA THR B 34 -33.56 -9.15 11.36
C THR B 34 -33.89 -10.55 10.90
N HIS B 35 -35.18 -10.91 10.95
CA HIS B 35 -35.55 -12.24 10.48
C HIS B 35 -35.32 -12.38 8.98
N ALA B 36 -34.77 -13.51 8.57
CA ALA B 36 -34.39 -13.66 7.19
C ALA B 36 -34.50 -15.10 6.77
N GLU B 37 -34.75 -15.31 5.48
CA GLU B 37 -34.96 -16.65 4.97
C GLU B 37 -33.94 -16.88 3.88
N SER B 38 -33.29 -18.04 3.86
CA SER B 38 -32.27 -18.28 2.85
C SER B 38 -32.27 -19.64 2.16
N LYS B 39 -32.41 -19.59 0.84
CA LYS B 39 -32.34 -20.75 -0.02
C LYS B 39 -31.18 -20.59 -1.01
N LYS B 40 -30.55 -21.69 -1.40
CA LYS B 40 -29.57 -21.62 -2.47
C LYS B 40 -30.26 -21.45 -3.82
N LEU B 41 -29.45 -21.27 -4.85
CA LEU B 41 -29.87 -21.42 -6.23
C LEU B 41 -28.64 -21.79 -7.06
N LYS B 42 -28.86 -22.03 -8.35
CA LYS B 42 -27.77 -22.24 -9.30
C LYS B 42 -28.18 -21.56 -10.59
N ASP B 43 -27.30 -20.75 -11.16
CA ASP B 43 -27.65 -20.01 -12.37
C ASP B 43 -27.52 -20.88 -13.63
N PRO B 44 -28.65 -21.05 -14.34
CA PRO B 44 -28.79 -21.89 -15.53
C PRO B 44 -27.75 -21.66 -16.62
N GLN B 45 -27.36 -20.41 -16.88
CA GLN B 45 -26.35 -20.14 -17.92
C GLN B 45 -24.88 -20.37 -17.49
N THR B 46 -24.51 -19.88 -16.31
CA THR B 46 -23.09 -19.93 -15.92
C THR B 46 -22.67 -21.04 -14.95
N THR B 47 -23.61 -21.86 -14.49
CA THR B 47 -23.32 -22.82 -13.45
C THR B 47 -22.75 -22.07 -12.24
N THR B 48 -23.49 -21.07 -11.77
CA THR B 48 -22.99 -20.25 -10.67
C THR B 48 -23.88 -20.24 -9.44
N GLN B 49 -23.27 -20.62 -8.31
CA GLN B 49 -23.95 -20.69 -7.03
C GLN B 49 -24.38 -19.35 -6.46
N TYR B 50 -25.64 -19.28 -6.07
CA TYR B 50 -26.12 -18.15 -5.31
C TYR B 50 -26.66 -18.65 -3.98
N TRP B 51 -26.44 -17.87 -2.94
CA TRP B 51 -27.15 -18.03 -1.70
C TRP B 51 -28.02 -16.80 -1.59
N VAL B 52 -29.33 -16.99 -1.44
CA VAL B 52 -30.23 -15.85 -1.36
C VAL B 52 -30.99 -15.75 -0.04
N THR B 53 -30.85 -14.60 0.61
CA THR B 53 -31.53 -14.29 1.85
C THR B 53 -32.77 -13.47 1.54
N PHE B 54 -33.95 -14.03 1.82
CA PHE B 54 -35.15 -13.22 1.83
C PHE B 54 -35.27 -12.65 3.22
N ALA B 55 -35.18 -11.33 3.29
CA ALA B 55 -35.35 -10.58 4.55
C ALA B 55 -36.30 -9.42 4.29
N PRO B 56 -37.60 -9.65 4.47
CA PRO B 56 -38.68 -8.69 4.23
C PRO B 56 -38.75 -7.54 5.23
N SER B 57 -38.10 -7.69 6.37
CA SER B 57 -38.30 -6.81 7.53
C SER B 57 -38.11 -5.30 7.27
N LEU B 58 -36.86 -4.87 7.07
CA LEU B 58 -36.56 -3.43 7.03
C LEU B 58 -37.43 -2.66 6.05
N ASP B 74 -21.58 9.93 13.25
CA ASP B 74 -20.78 8.72 13.09
C ASP B 74 -20.93 7.76 14.25
N PRO B 75 -21.58 6.62 14.02
CA PRO B 75 -21.82 5.58 15.03
C PRO B 75 -20.54 4.89 15.50
N PHE B 76 -19.46 5.01 14.73
CA PHE B 76 -18.18 4.41 15.08
C PHE B 76 -17.35 5.46 15.80
N ALA B 77 -17.90 6.66 15.79
CA ALA B 77 -17.41 7.77 16.57
C ALA B 77 -17.92 7.56 17.99
N ASN B 78 -19.24 7.55 18.13
CA ASN B 78 -19.84 7.20 19.40
C ASN B 78 -20.10 5.70 19.35
N PRO B 79 -19.18 4.93 19.98
CA PRO B 79 -19.08 3.48 19.96
C PRO B 79 -19.80 2.83 21.14
N ASP B 80 -21.12 2.64 21.00
CA ASP B 80 -21.94 2.18 22.11
C ASP B 80 -21.38 0.95 22.81
N GLU B 81 -21.23 1.05 24.13
CA GLU B 81 -20.45 0.08 24.92
C GLU B 81 -20.89 -1.36 24.82
N GLU B 82 -22.21 -1.59 24.88
CA GLU B 82 -22.78 -2.93 24.86
C GLU B 82 -22.54 -3.61 23.52
N LEU B 83 -22.30 -2.77 22.50
CA LEU B 83 -22.05 -3.23 21.15
C LEU B 83 -20.57 -3.48 20.88
N VAL B 84 -19.72 -3.17 21.85
CA VAL B 84 -18.29 -3.25 21.62
C VAL B 84 -17.68 -4.56 22.15
N VAL B 85 -17.10 -5.34 21.24
CA VAL B 85 -16.44 -6.59 21.58
C VAL B 85 -15.05 -6.35 22.16
N THR B 86 -14.29 -5.48 21.52
CA THR B 86 -12.95 -5.16 22.00
C THR B 86 -12.67 -3.67 21.95
N GLU B 87 -11.91 -3.17 22.92
CA GLU B 87 -11.47 -1.79 22.90
C GLU B 87 -10.30 -1.63 21.93
N ASP B 88 -9.36 -2.55 22.02
CA ASP B 88 -8.24 -2.55 21.11
C ASP B 88 -8.03 -3.95 20.62
N LEU B 89 -8.27 -4.13 19.33
CA LEU B 89 -8.21 -5.44 18.72
C LEU B 89 -6.78 -5.96 18.67
N ASN B 90 -5.82 -5.04 18.57
CA ASN B 90 -4.43 -5.42 18.37
C ASN B 90 -3.41 -4.83 19.34
N GLY B 91 -2.19 -5.34 19.28
CA GLY B 91 -1.10 -4.72 20.01
C GLY B 91 -1.12 -3.24 19.70
N ASP B 92 -1.19 -2.91 18.40
CA ASP B 92 -1.37 -1.53 17.96
C ASP B 92 -2.80 -1.07 18.22
N GLY B 93 -2.95 0.18 18.65
CA GLY B 93 -4.21 0.67 19.17
C GLY B 93 -5.15 1.23 18.13
N GLU B 94 -5.00 0.80 16.87
CA GLU B 94 -5.87 1.26 15.81
C GLU B 94 -7.29 0.76 15.98
N TYR B 95 -7.44 -0.51 16.36
CA TYR B 95 -8.67 -1.23 16.09
C TYR B 95 -9.54 -1.64 17.27
N LYS B 96 -10.82 -1.28 17.17
CA LYS B 96 -11.85 -1.79 18.07
C LYS B 96 -12.74 -2.73 17.25
N LEU B 97 -13.18 -3.84 17.84
CA LEU B 97 -14.15 -4.70 17.19
C LEU B 97 -15.57 -4.41 17.67
N LEU B 98 -16.46 -4.10 16.73
CA LEU B 98 -17.85 -3.75 17.03
C LEU B 98 -18.84 -4.70 16.35
N LEU B 99 -19.92 -5.06 17.06
CA LEU B 99 -20.98 -5.84 16.46
C LEU B 99 -21.88 -4.99 15.56
N ASN B 100 -22.28 -5.55 14.44
CA ASN B 100 -23.24 -4.87 13.59
C ASN B 100 -24.52 -4.72 14.40
N LYS B 101 -25.03 -3.49 14.50
CA LYS B 101 -26.22 -3.26 15.32
C LYS B 101 -27.46 -3.94 14.72
N PHE B 102 -27.49 -4.07 13.40
CA PHE B 102 -28.66 -4.61 12.74
C PHE B 102 -28.32 -5.79 11.84
N PRO B 103 -27.72 -6.83 12.43
CA PRO B 103 -27.16 -7.95 11.67
C PRO B 103 -28.25 -8.81 11.06
N VAL B 104 -28.09 -9.24 9.82
CA VAL B 104 -28.91 -10.35 9.31
C VAL B 104 -28.29 -11.64 9.78
N VAL B 105 -26.95 -11.70 9.76
CA VAL B 105 -26.23 -12.91 10.19
C VAL B 105 -25.76 -12.75 11.61
N PRO B 106 -26.20 -13.65 12.49
CA PRO B 106 -25.76 -13.58 13.88
C PRO B 106 -24.26 -13.44 13.96
N GLU B 107 -23.79 -12.53 14.82
CA GLU B 107 -22.36 -12.35 15.07
C GLU B 107 -21.60 -11.54 13.98
N HIS B 108 -22.33 -11.09 12.96
CA HIS B 108 -21.79 -10.18 11.94
C HIS B 108 -21.16 -8.97 12.65
N SER B 109 -19.89 -8.72 12.35
CA SER B 109 -19.06 -7.82 13.16
C SER B 109 -18.28 -6.79 12.36
N LEU B 110 -17.98 -5.68 13.02
CA LEU B 110 -17.46 -4.49 12.37
C LEU B 110 -16.07 -4.17 12.88
N LEU B 111 -15.10 -4.22 11.99
CA LEU B 111 -13.74 -3.92 12.38
C LEU B 111 -13.46 -2.45 12.01
N VAL B 112 -13.34 -1.61 13.04
CA VAL B 112 -13.38 -0.15 12.89
C VAL B 112 -12.06 0.57 13.25
N THR B 113 -11.81 1.71 12.58
CA THR B 113 -10.77 2.63 13.04
C THR B 113 -11.32 3.44 14.20
N SER B 114 -10.69 3.34 15.36
CA SER B 114 -11.06 4.13 16.53
C SER B 114 -10.99 5.63 16.22
N GLU B 115 -9.82 6.07 15.77
CA GLU B 115 -9.72 7.40 15.17
C GLU B 115 -10.28 7.37 13.73
N PHE B 116 -11.27 8.23 13.50
CA PHE B 116 -12.01 8.26 12.25
C PHE B 116 -11.08 8.26 11.04
N LYS B 117 -11.48 7.53 9.99
CA LYS B 117 -10.80 7.60 8.69
C LYS B 117 -11.88 7.47 7.64
N ASP B 118 -11.63 8.04 6.47
CA ASP B 118 -12.64 8.05 5.43
C ASP B 118 -12.81 6.66 4.80
N GLN B 119 -14.04 6.18 4.76
CA GLN B 119 -14.35 4.88 4.16
C GLN B 119 -13.87 4.85 2.73
N ARG B 120 -13.77 6.02 2.14
CA ARG B 120 -13.45 6.10 0.74
C ARG B 120 -11.98 5.83 0.56
N SER B 121 -11.24 5.88 1.66
CA SER B 121 -9.80 5.60 1.62
C SER B 121 -9.47 4.11 1.49
N ALA B 122 -8.28 3.81 1.00
CA ALA B 122 -7.88 2.43 0.74
C ALA B 122 -7.51 1.65 2.01
N LEU B 123 -6.96 0.46 1.82
CA LEU B 123 -6.66 -0.46 2.91
C LEU B 123 -5.17 -0.53 3.15
N THR B 124 -4.77 -0.36 4.41
CA THR B 124 -3.37 -0.47 4.83
C THR B 124 -2.96 -1.93 5.05
N PRO B 125 -1.66 -2.24 4.93
CA PRO B 125 -1.26 -3.65 5.07
C PRO B 125 -1.61 -4.15 6.46
N SER B 126 -1.68 -3.22 7.41
CA SER B 126 -2.08 -3.54 8.77
C SER B 126 -3.59 -3.69 8.88
N ASP B 127 -4.33 -2.94 8.07
CA ASP B 127 -5.78 -3.17 7.90
C ASP B 127 -5.97 -4.65 7.53
N LEU B 128 -5.29 -5.06 6.48
CA LEU B 128 -5.37 -6.43 5.97
C LEU B 128 -4.91 -7.57 6.90
N MET B 129 -3.79 -7.40 7.60
CA MET B 129 -3.31 -8.48 8.45
C MET B 129 -4.27 -8.65 9.62
N THR B 130 -4.68 -7.55 10.23
CA THR B 130 -5.65 -7.64 11.32
C THR B 130 -6.80 -8.54 10.88
N ALA B 131 -7.51 -8.11 9.84
CA ALA B 131 -8.66 -8.85 9.32
C ALA B 131 -8.34 -10.33 9.07
N TYR B 132 -7.22 -10.60 8.38
CA TYR B 132 -6.74 -11.98 8.18
C TYR B 132 -6.55 -12.72 9.50
N ASN B 133 -6.04 -12.03 10.51
CA ASN B 133 -5.76 -12.66 11.79
C ASN B 133 -7.06 -12.97 12.47
N VAL B 134 -7.98 -12.01 12.43
CA VAL B 134 -9.33 -12.22 12.92
C VAL B 134 -9.92 -13.47 12.28
N LEU B 135 -9.66 -13.68 11.00
CA LEU B 135 -10.18 -14.85 10.31
C LEU B 135 -9.62 -16.15 10.89
N CYS B 136 -8.32 -16.15 11.13
CA CYS B 136 -7.67 -17.32 11.69
C CYS B 136 -8.25 -17.69 13.05
N SER B 137 -8.53 -16.69 13.89
CA SER B 137 -9.13 -16.96 15.18
C SER B 137 -10.46 -17.69 15.04
N LEU B 138 -11.41 -17.09 14.33
CA LEU B 138 -12.71 -17.70 14.18
C LEU B 138 -12.64 -19.06 13.50
N GLN B 139 -11.59 -19.31 12.72
CA GLN B 139 -11.48 -20.57 11.96
C GLN B 139 -10.25 -21.40 12.32
N GLY B 140 -9.09 -21.00 11.79
CA GLY B 140 -7.87 -21.79 11.88
C GLY B 140 -7.66 -22.58 13.16
N THR B 147 -13.53 -26.53 9.12
CA THR B 147 -14.72 -27.36 9.02
C THR B 147 -15.77 -26.76 8.12
N CYS B 148 -17.02 -26.94 8.51
CA CYS B 148 -18.16 -26.56 7.69
C CYS B 148 -18.35 -25.04 7.76
N GLU B 149 -17.70 -24.38 8.70
CA GLU B 149 -17.86 -22.93 8.86
C GLU B 149 -16.67 -22.04 8.43
N ARG B 150 -16.91 -21.08 7.55
CA ARG B 150 -15.91 -20.06 7.25
C ARG B 150 -16.48 -18.68 7.41
N TYR B 151 -15.60 -17.69 7.42
CA TYR B 151 -16.05 -16.33 7.48
C TYR B 151 -15.65 -15.57 6.24
N LEU B 152 -16.45 -14.58 5.91
CA LEU B 152 -16.11 -13.65 4.87
C LEU B 152 -15.65 -12.34 5.50
N VAL B 153 -14.47 -11.85 5.13
CA VAL B 153 -14.12 -10.48 5.49
C VAL B 153 -14.32 -9.63 4.25
N PHE B 154 -14.87 -8.44 4.42
CA PHE B 154 -15.08 -7.58 3.26
C PHE B 154 -15.08 -6.09 3.60
N TYR B 155 -14.78 -5.29 2.59
CA TYR B 155 -14.75 -3.82 2.67
C TYR B 155 -15.59 -3.30 1.50
N ASN B 156 -16.36 -2.24 1.73
CA ASN B 156 -17.01 -1.57 0.60
C ASN B 156 -16.44 -0.15 0.45
N CYS B 157 -15.66 0.07 -0.61
CA CYS B 157 -15.00 1.38 -0.77
C CYS B 157 -15.61 2.29 -1.84
N GLY B 158 -16.23 3.37 -1.37
CA GLY B 158 -16.77 4.39 -2.24
C GLY B 158 -18.27 4.38 -2.33
N PRO B 159 -18.84 5.38 -3.01
CA PRO B 159 -20.26 5.70 -3.24
C PRO B 159 -21.02 4.60 -3.98
N HIS B 160 -20.34 3.83 -4.82
CA HIS B 160 -20.98 2.74 -5.56
C HIS B 160 -20.85 1.37 -4.90
N SER B 161 -20.13 1.30 -3.79
CA SER B 161 -19.81 0.01 -3.19
C SER B 161 -20.97 -0.60 -2.40
N GLY B 162 -21.89 0.24 -1.96
CA GLY B 162 -22.93 -0.18 -1.04
C GLY B 162 -22.50 0.17 0.37
N SER B 163 -21.55 1.08 0.48
CA SER B 163 -21.13 1.56 1.79
C SER B 163 -22.14 2.58 2.28
N SER B 164 -22.63 2.40 3.50
CA SER B 164 -23.45 3.42 4.16
C SER B 164 -22.69 4.25 5.22
N GLN B 165 -21.39 4.05 5.33
CA GLN B 165 -20.65 4.76 6.38
C GLN B 165 -19.28 5.30 5.98
N ASP B 166 -19.06 6.55 6.35
CA ASP B 166 -17.84 7.28 6.05
C ASP B 166 -16.71 6.89 7.00
N HIS B 167 -17.05 6.50 8.22
CA HIS B 167 -16.03 6.02 9.13
C HIS B 167 -15.52 4.66 8.65
N LYS B 168 -14.21 4.53 8.52
CA LYS B 168 -13.61 3.33 7.91
C LYS B 168 -13.94 2.07 8.69
N HIS B 169 -14.44 1.05 7.98
CA HIS B 169 -14.76 -0.25 8.58
C HIS B 169 -14.70 -1.43 7.62
N LEU B 170 -14.15 -2.56 8.07
CA LEU B 170 -14.26 -3.83 7.35
C LEU B 170 -15.27 -4.72 8.03
N GLN B 171 -15.99 -5.53 7.27
CA GLN B 171 -16.98 -6.41 7.90
C GLN B 171 -16.54 -7.88 7.97
N ILE B 172 -16.88 -8.52 9.07
CA ILE B 172 -16.74 -9.97 9.09
C ILE B 172 -18.05 -10.72 9.44
N MET B 173 -18.51 -11.50 8.47
CA MET B 173 -19.66 -12.36 8.69
C MET B 173 -19.37 -13.84 8.38
N GLN B 174 -19.94 -14.71 9.20
CA GLN B 174 -19.90 -16.11 8.89
C GLN B 174 -20.57 -16.35 7.53
N MET B 175 -20.14 -17.42 6.86
CA MET B 175 -20.62 -17.76 5.55
C MET B 175 -21.45 -19.04 5.71
N PRO B 176 -22.41 -19.28 4.80
CA PRO B 176 -23.31 -20.43 4.93
C PRO B 176 -22.49 -21.74 4.95
N GLU B 177 -22.90 -22.72 5.75
CA GLU B 177 -22.05 -23.89 5.96
C GLU B 177 -21.91 -24.69 4.69
N LYS B 178 -23.00 -24.75 3.95
CA LYS B 178 -23.12 -25.55 2.75
C LYS B 178 -22.83 -24.82 1.42
N PHE B 179 -22.75 -23.50 1.45
CA PHE B 179 -22.61 -22.69 0.24
C PHE B 179 -21.19 -22.68 -0.32
N ILE B 180 -21.05 -22.81 -1.64
CA ILE B 180 -19.77 -22.64 -2.35
C ILE B 180 -19.79 -21.46 -3.34
N PRO B 181 -18.96 -20.44 -3.09
CA PRO B 181 -18.77 -19.30 -4.01
C PRO B 181 -17.79 -19.61 -5.14
N PHE B 182 -17.95 -18.96 -6.28
CA PHE B 182 -17.18 -19.32 -7.47
C PHE B 182 -15.69 -19.15 -7.28
N GLN B 183 -15.32 -18.15 -6.51
CA GLN B 183 -13.92 -17.85 -6.27
C GLN B 183 -13.27 -19.10 -5.75
N ASP B 184 -14.04 -19.89 -5.01
CA ASP B 184 -13.51 -21.14 -4.51
C ASP B 184 -13.00 -21.94 -5.69
N VAL B 185 -13.94 -22.45 -6.48
CA VAL B 185 -13.62 -23.30 -7.61
C VAL B 185 -12.51 -22.69 -8.47
N LEU B 186 -12.67 -21.41 -8.79
CA LEU B 186 -11.69 -20.69 -9.57
C LEU B 186 -10.30 -20.93 -9.00
N CYS B 187 -10.21 -20.91 -7.68
CA CYS B 187 -8.90 -20.96 -7.03
C CYS B 187 -8.43 -22.38 -6.80
N ASN B 188 -9.24 -23.36 -7.18
CA ASN B 188 -8.86 -24.74 -6.96
C ASN B 188 -8.01 -25.36 -8.07
N GLY B 189 -7.08 -26.20 -7.65
CA GLY B 189 -6.04 -26.69 -8.55
C GLY B 189 -5.02 -25.58 -8.72
N LYS B 190 -5.16 -24.54 -7.89
CA LYS B 190 -4.31 -23.36 -7.98
C LYS B 190 -3.72 -23.01 -6.61
N ASP B 191 -2.42 -22.87 -6.55
CA ASP B 191 -1.76 -22.36 -5.35
C ASP B 191 -1.83 -20.82 -5.33
N HIS B 192 -1.22 -20.21 -4.33
CA HIS B 192 -1.10 -18.76 -4.26
C HIS B 192 -0.28 -18.21 -5.43
N ALA B 199 0.14 -14.33 -16.41
CA ALA B 199 -1.21 -14.64 -16.00
C ALA B 199 -1.87 -13.50 -15.21
N GLU B 200 -2.76 -12.77 -15.88
CA GLU B 200 -3.59 -11.80 -15.19
C GLU B 200 -4.22 -12.58 -14.04
N PRO B 201 -4.32 -11.95 -12.85
CA PRO B 201 -4.85 -12.71 -11.72
C PRO B 201 -6.17 -13.35 -12.11
N LEU B 202 -6.49 -14.44 -11.45
CA LEU B 202 -7.61 -15.29 -11.85
C LEU B 202 -8.91 -14.53 -12.03
N GLN B 203 -9.62 -14.87 -13.10
CA GLN B 203 -10.95 -14.33 -13.34
C GLN B 203 -11.82 -15.48 -13.80
N ASP B 204 -13.04 -15.53 -13.31
CA ASP B 204 -13.98 -16.51 -13.81
C ASP B 204 -14.62 -15.97 -15.08
N ASP B 205 -14.36 -16.66 -16.19
CA ASP B 205 -14.68 -16.15 -17.51
C ASP B 205 -16.13 -16.42 -17.88
N LYS B 206 -16.90 -16.96 -16.95
CA LYS B 206 -18.32 -17.18 -17.19
C LYS B 206 -19.25 -16.02 -16.80
N VAL B 207 -18.80 -15.08 -15.97
CA VAL B 207 -19.72 -14.10 -15.40
C VAL B 207 -19.91 -12.82 -16.22
N SER B 208 -20.78 -11.95 -15.75
CA SER B 208 -21.16 -10.73 -16.46
C SER B 208 -20.27 -9.54 -16.12
N PHE B 209 -19.51 -9.68 -15.05
CA PHE B 209 -18.92 -8.51 -14.42
C PHE B 209 -17.42 -8.65 -14.18
N ALA B 210 -16.72 -7.51 -14.25
CA ALA B 210 -15.30 -7.48 -13.98
C ALA B 210 -15.07 -7.84 -12.53
N HIS B 211 -13.91 -8.45 -12.25
CA HIS B 211 -13.60 -8.95 -10.91
C HIS B 211 -12.26 -9.62 -11.01
N PHE B 212 -11.56 -9.78 -9.89
CA PHE B 212 -10.17 -10.22 -9.93
C PHE B 212 -9.81 -10.94 -8.63
N VAL B 213 -9.02 -12.00 -8.73
CA VAL B 213 -8.71 -12.78 -7.54
C VAL B 213 -7.26 -13.25 -7.52
N LEU B 214 -6.64 -13.14 -6.35
CA LEU B 214 -5.40 -13.85 -6.08
C LEU B 214 -5.58 -14.87 -4.94
N PRO B 215 -5.43 -16.17 -5.23
CA PRO B 215 -5.47 -17.19 -4.20
C PRO B 215 -4.38 -16.94 -3.16
N LEU B 216 -4.53 -17.51 -1.96
CA LEU B 216 -3.61 -17.20 -0.87
C LEU B 216 -2.81 -18.42 -0.46
N PRO B 217 -1.66 -18.20 0.18
CA PRO B 217 -0.85 -19.34 0.60
C PRO B 217 -1.68 -20.21 1.54
N GLU B 218 -1.75 -21.50 1.24
CA GLU B 218 -2.54 -22.44 2.02
C GLU B 218 -2.08 -22.51 3.49
N SER B 219 -0.92 -21.93 3.79
CA SER B 219 -0.38 -21.88 5.16
C SER B 219 -0.28 -20.45 5.73
N SER B 220 -0.89 -20.25 6.90
CA SER B 220 -0.96 -18.93 7.53
C SER B 220 0.38 -18.31 7.90
N ASP B 221 1.41 -19.13 8.09
CA ASP B 221 2.73 -18.61 8.45
C ASP B 221 3.30 -17.96 7.20
N GLN B 222 2.71 -18.32 6.08
CA GLN B 222 3.09 -17.79 4.77
C GLN B 222 2.24 -16.60 4.39
N VAL B 223 1.42 -16.13 5.32
CA VAL B 223 0.74 -14.85 5.16
C VAL B 223 1.29 -13.77 6.10
N ASP B 224 1.54 -12.59 5.54
CA ASP B 224 2.07 -11.43 6.28
C ASP B 224 1.75 -10.07 5.63
N GLU B 225 1.99 -9.00 6.38
CA GLU B 225 1.54 -7.64 6.04
C GLU B 225 1.75 -7.26 4.60
N ASP B 226 2.98 -7.41 4.11
CA ASP B 226 3.28 -6.91 2.78
C ASP B 226 2.78 -7.89 1.71
N LEU B 227 2.76 -9.18 2.05
CA LEU B 227 2.17 -10.17 1.15
C LEU B 227 0.72 -9.79 0.83
N LEU B 228 -0.05 -9.48 1.86
CA LEU B 228 -1.43 -9.08 1.68
C LEU B 228 -1.49 -7.81 0.85
N ALA B 229 -0.81 -6.78 1.34
CA ALA B 229 -0.80 -5.47 0.67
C ALA B 229 -0.39 -5.61 -0.80
N MET B 230 0.65 -6.39 -1.04
CA MET B 230 1.02 -6.71 -2.41
C MET B 230 -0.23 -7.09 -3.19
N CYS B 231 -0.86 -8.18 -2.78
CA CYS B 231 -2.02 -8.71 -3.48
C CYS B 231 -3.14 -7.67 -3.59
N TYR B 232 -3.40 -6.99 -2.50
CA TYR B 232 -4.47 -6.01 -2.51
C TYR B 232 -4.24 -4.96 -3.62
N VAL B 233 -3.11 -4.28 -3.57
CA VAL B 233 -2.85 -3.18 -4.50
C VAL B 233 -2.84 -3.69 -5.92
N SER B 234 -2.18 -4.83 -6.09
CA SER B 234 -2.08 -5.46 -7.38
C SER B 234 -3.48 -5.52 -7.99
N LEU B 235 -4.34 -6.33 -7.39
CA LEU B 235 -5.73 -6.38 -7.77
C LEU B 235 -6.35 -4.99 -7.86
N MET B 236 -6.05 -4.12 -6.88
CA MET B 236 -6.67 -2.79 -6.86
C MET B 236 -6.36 -2.04 -8.14
N GLN B 237 -5.15 -2.24 -8.64
CA GLN B 237 -4.76 -1.72 -9.94
C GLN B 237 -5.81 -2.12 -10.98
N ARG B 238 -5.89 -3.43 -11.23
CA ARG B 238 -6.77 -3.98 -12.26
C ARG B 238 -8.20 -3.47 -12.15
N ALA B 239 -8.66 -3.26 -10.92
CA ALA B 239 -10.04 -2.81 -10.71
C ALA B 239 -10.21 -1.30 -10.92
N LEU B 240 -9.15 -0.53 -10.67
CA LEU B 240 -9.21 0.94 -10.73
C LEU B 240 -9.20 1.53 -12.15
N THR B 241 -8.89 0.67 -13.12
CA THR B 241 -8.78 1.06 -14.52
C THR B 241 -10.09 1.53 -15.13
N PHE B 242 -11.19 0.98 -14.63
CA PHE B 242 -12.50 1.31 -15.14
C PHE B 242 -12.90 2.75 -14.85
N PHE B 243 -12.29 3.38 -13.85
CA PHE B 243 -12.58 4.78 -13.55
C PHE B 243 -11.57 5.81 -14.06
N GLN B 244 -10.43 5.37 -14.56
CA GLN B 244 -9.31 6.31 -14.77
C GLN B 244 -8.39 5.94 -15.92
N GLU B 252 -13.66 11.19 -13.72
CA GLU B 252 -13.99 10.00 -12.96
C GLU B 252 -15.42 10.03 -12.42
N LEU B 253 -16.23 9.04 -12.78
CA LEU B 253 -17.36 8.69 -11.94
C LEU B 253 -16.65 8.05 -10.76
N THR B 254 -16.92 8.55 -9.57
CA THR B 254 -16.05 8.35 -8.42
C THR B 254 -15.66 6.86 -8.16
N LYS B 255 -14.37 6.62 -7.95
CA LYS B 255 -13.85 5.27 -7.74
C LYS B 255 -14.59 4.51 -6.64
N SER B 256 -15.05 3.30 -6.94
CA SER B 256 -15.79 2.49 -5.99
C SER B 256 -15.49 1.01 -6.16
N TYR B 257 -15.15 0.32 -5.07
CA TYR B 257 -14.86 -1.09 -5.18
C TYR B 257 -15.28 -1.91 -3.97
N ASN B 258 -15.39 -3.23 -4.17
CA ASN B 258 -15.56 -4.17 -3.09
C ASN B 258 -14.28 -4.96 -2.85
N VAL B 259 -13.93 -5.20 -1.58
CA VAL B 259 -12.90 -6.20 -1.28
C VAL B 259 -13.46 -7.36 -0.47
N LEU B 260 -13.26 -8.57 -0.97
CA LEU B 260 -13.68 -9.80 -0.29
C LEU B 260 -12.47 -10.63 0.07
N LEU B 261 -12.37 -11.01 1.33
CA LEU B 261 -11.26 -11.78 1.84
C LEU B 261 -11.75 -12.96 2.66
N THR B 262 -11.42 -14.16 2.18
CA THR B 262 -11.58 -15.40 2.95
C THR B 262 -10.21 -15.95 3.23
N LYS B 263 -10.12 -17.13 3.85
CA LYS B 263 -8.81 -17.72 4.11
C LYS B 263 -8.24 -18.35 2.84
N LYS B 264 -9.14 -18.73 1.95
CA LYS B 264 -8.75 -19.37 0.70
C LYS B 264 -8.27 -18.38 -0.39
N TRP B 265 -8.80 -17.16 -0.37
CA TRP B 265 -8.55 -16.21 -1.45
C TRP B 265 -8.76 -14.75 -1.07
N ILE B 266 -8.28 -13.86 -1.94
CA ILE B 266 -8.61 -12.44 -1.87
C ILE B 266 -9.13 -11.94 -3.22
N CYS B 267 -10.05 -10.99 -3.20
CA CYS B 267 -10.65 -10.54 -4.47
C CYS B 267 -11.06 -9.07 -4.42
N VAL B 268 -10.91 -8.38 -5.55
CA VAL B 268 -11.37 -6.97 -5.70
C VAL B 268 -12.33 -6.80 -6.88
N VAL B 269 -13.47 -6.16 -6.61
CA VAL B 269 -14.51 -5.92 -7.63
C VAL B 269 -14.76 -4.43 -7.84
N PRO B 270 -14.53 -3.94 -9.07
CA PRO B 270 -14.88 -2.58 -9.52
C PRO B 270 -16.40 -2.34 -9.64
N ARG B 271 -16.86 -1.24 -9.04
CA ARG B 271 -18.31 -1.00 -8.91
C ARG B 271 -18.78 0.29 -9.57
N SER B 272 -19.81 0.16 -10.40
CA SER B 272 -20.52 1.28 -11.01
C SER B 272 -21.62 1.91 -10.17
N HIS B 273 -22.48 1.08 -9.55
CA HIS B 273 -23.60 1.60 -8.76
C HIS B 273 -24.04 0.69 -7.62
N ALA B 274 -24.43 1.32 -6.53
CA ALA B 274 -24.90 0.64 -5.34
C ALA B 274 -26.11 -0.24 -5.64
N LYS B 275 -27.09 0.33 -6.34
CA LYS B 275 -28.29 -0.40 -6.73
C LYS B 275 -28.17 -0.86 -8.19
N SER B 276 -28.78 -2.00 -8.49
CA SER B 276 -28.77 -2.52 -9.86
C SER B 276 -29.70 -1.71 -10.73
N GLY B 277 -29.91 -2.18 -11.95
CA GLY B 277 -30.85 -1.56 -12.87
C GLY B 277 -32.30 -1.99 -12.65
N PRO B 278 -33.20 -1.45 -13.49
CA PRO B 278 -34.65 -1.60 -13.34
C PRO B 278 -35.09 -3.03 -13.02
N PRO B 279 -34.48 -4.06 -13.65
CA PRO B 279 -35.22 -5.34 -13.48
C PRO B 279 -35.35 -5.79 -12.01
N LEU B 280 -34.25 -5.87 -11.26
CA LEU B 280 -34.37 -6.18 -9.84
C LEU B 280 -34.29 -4.97 -8.91
N MET B 281 -33.79 -3.84 -9.41
CA MET B 281 -33.57 -2.68 -8.54
C MET B 281 -32.88 -3.13 -7.25
N LEU B 282 -31.72 -3.80 -7.38
CA LEU B 282 -31.04 -4.41 -6.23
C LEU B 282 -29.99 -3.56 -5.54
N ASN B 283 -30.06 -3.49 -4.22
CA ASN B 283 -28.96 -2.98 -3.42
C ASN B 283 -27.90 -4.07 -3.30
N ILE B 284 -26.70 -3.80 -3.79
CA ILE B 284 -25.65 -4.82 -3.80
C ILE B 284 -24.34 -4.37 -3.15
N ASN B 285 -23.77 -5.26 -2.35
CA ASN B 285 -22.45 -5.01 -1.75
C ASN B 285 -21.44 -6.14 -1.97
N SER B 286 -20.34 -6.10 -1.24
CA SER B 286 -19.31 -7.10 -1.42
C SER B 286 -19.92 -8.50 -1.50
N THR B 287 -20.79 -8.86 -0.56
CA THR B 287 -21.31 -10.23 -0.49
C THR B 287 -21.86 -10.71 -1.81
N GLY B 288 -22.54 -9.82 -2.53
CA GLY B 288 -23.21 -10.16 -3.76
C GLY B 288 -22.27 -10.73 -4.79
N TYR B 289 -20.99 -10.43 -4.64
CA TYR B 289 -20.02 -10.81 -5.68
C TYR B 289 -19.24 -12.09 -5.38
N CYS B 290 -19.47 -12.69 -4.22
CA CYS B 290 -19.17 -14.11 -4.02
C CYS B 290 -20.47 -14.92 -4.15
N GLY B 291 -21.57 -14.20 -4.38
CA GLY B 291 -22.85 -14.78 -4.71
C GLY B 291 -23.98 -14.70 -3.70
N MET B 292 -23.76 -14.03 -2.57
CA MET B 292 -24.79 -13.92 -1.54
C MET B 292 -25.65 -12.66 -1.74
N ILE B 293 -26.91 -12.85 -2.11
CA ILE B 293 -27.82 -11.74 -2.38
C ILE B 293 -28.83 -11.59 -1.26
N LEU B 294 -29.16 -10.35 -0.94
CA LEU B 294 -30.13 -10.06 0.10
C LEU B 294 -31.29 -9.25 -0.49
N VAL B 295 -32.48 -9.87 -0.58
CA VAL B 295 -33.66 -9.21 -1.14
C VAL B 295 -34.65 -8.72 -0.09
N LYS B 296 -35.24 -7.56 -0.36
CA LYS B 296 -36.23 -6.97 0.53
C LYS B 296 -37.65 -7.53 0.35
N ASP B 297 -38.09 -7.69 -0.90
CA ASP B 297 -39.47 -8.10 -1.16
C ASP B 297 -39.65 -9.38 -1.98
N ARG B 298 -40.78 -10.03 -1.70
CA ARG B 298 -41.09 -11.39 -2.17
C ARG B 298 -41.17 -11.48 -3.68
N GLU B 299 -41.68 -10.42 -4.29
CA GLU B 299 -41.83 -10.36 -5.73
C GLU B 299 -40.46 -10.46 -6.40
N LYS B 300 -39.57 -9.52 -6.07
CA LYS B 300 -38.21 -9.49 -6.62
C LYS B 300 -37.52 -10.81 -6.36
N LEU B 301 -37.98 -11.48 -5.31
CA LEU B 301 -37.49 -12.80 -4.93
C LEU B 301 -37.96 -13.87 -5.90
N GLU B 302 -39.26 -13.92 -6.13
CA GLU B 302 -39.80 -14.97 -6.98
C GLU B 302 -39.21 -14.90 -8.38
N ASN B 303 -38.97 -13.66 -8.84
CA ASN B 303 -38.23 -13.44 -10.08
C ASN B 303 -36.88 -14.18 -10.08
N LEU B 304 -36.01 -13.81 -9.15
CA LEU B 304 -34.68 -14.43 -9.05
C LEU B 304 -34.76 -15.95 -9.13
N THR B 305 -35.80 -16.50 -8.52
CA THR B 305 -35.96 -17.95 -8.44
C THR B 305 -36.35 -18.57 -9.78
N GLU B 306 -37.29 -17.94 -10.46
CA GLU B 306 -37.71 -18.43 -11.78
C GLU B 306 -36.69 -18.04 -12.84
N ASP B 307 -35.99 -16.94 -12.60
CA ASP B 307 -34.92 -16.52 -13.49
C ASP B 307 -33.67 -16.09 -12.71
N PRO B 308 -32.82 -17.06 -12.34
CA PRO B 308 -31.50 -16.88 -11.70
C PRO B 308 -30.51 -16.04 -12.50
N HIS B 309 -30.45 -16.23 -13.81
CA HIS B 309 -29.50 -15.46 -14.59
C HIS B 309 -29.71 -13.97 -14.35
N LEU B 310 -30.88 -13.62 -13.83
CA LEU B 310 -31.16 -12.22 -13.51
C LEU B 310 -30.20 -11.61 -12.48
N VAL B 311 -29.59 -12.45 -11.65
CA VAL B 311 -28.63 -11.98 -10.66
C VAL B 311 -27.37 -11.52 -11.37
N ASP B 312 -26.90 -12.37 -12.27
CA ASP B 312 -25.77 -12.11 -13.13
C ASP B 312 -25.97 -10.74 -13.80
N LYS B 313 -27.21 -10.40 -14.10
CA LYS B 313 -27.55 -9.12 -14.73
C LYS B 313 -27.30 -7.95 -13.76
N SER B 314 -27.67 -8.13 -12.51
CA SER B 314 -27.59 -7.05 -11.50
C SER B 314 -26.17 -6.76 -11.07
N LEU B 315 -25.33 -7.80 -11.12
CA LEU B 315 -23.94 -7.71 -10.75
C LEU B 315 -23.19 -6.94 -11.83
N LEU B 316 -23.38 -7.32 -13.08
CA LEU B 316 -22.88 -6.54 -14.20
C LEU B 316 -23.38 -5.10 -14.12
N GLN B 317 -24.62 -4.93 -13.68
CA GLN B 317 -25.20 -3.58 -13.64
C GLN B 317 -24.62 -2.73 -12.51
N CYS B 318 -24.26 -3.37 -11.40
CA CYS B 318 -23.57 -2.67 -10.33
C CYS B 318 -22.08 -2.76 -10.53
N GLY B 319 -21.67 -3.65 -11.44
CA GLY B 319 -20.28 -3.89 -11.75
C GLY B 319 -19.78 -3.28 -13.05
N PHE B 320 -18.83 -3.97 -13.69
CA PHE B 320 -18.35 -3.62 -15.02
C PHE B 320 -18.29 -4.91 -15.78
N PRO B 321 -18.34 -4.84 -17.12
CA PRO B 321 -18.32 -6.05 -17.96
C PRO B 321 -17.12 -6.92 -17.66
N ASN B 322 -17.26 -8.24 -17.73
CA ASN B 322 -16.11 -9.08 -17.54
C ASN B 322 -15.19 -8.79 -18.71
N THR B 323 -13.93 -8.50 -18.42
CA THR B 323 -12.95 -8.14 -19.45
C THR B 323 -12.17 -9.35 -19.94
N ALA B 324 -12.32 -10.48 -19.25
CA ALA B 324 -11.49 -11.67 -19.47
C ALA B 324 -10.13 -11.32 -20.07
#